data_2QND
#
_entry.id   2QND
#
_cell.length_a   71.00
_cell.length_b   70.70
_cell.length_c   68.16
_cell.angle_alpha   90.00
_cell.angle_beta   107.23
_cell.angle_gamma   90.00
#
_symmetry.space_group_name_H-M   'C 1 2 1'
#
loop_
_entity.id
_entity.type
_entity.pdbx_description
1 polymer 'FMR1 protein'
2 non-polymer 'MAGNESIUM ION'
3 water water
#
_entity_poly.entity_id   1
_entity_poly.type   'polypeptide(L)'
_entity_poly.pdbx_seq_one_letter_code
;ASRFHEQFIVREDL(MSE)GLAIGTHGANIQQARKVPGVTAIDLDEDTCTFHIYGEDQDAVKKARSFLEFAEDVIQVPRN
LVGKVIGKNGKLIQEIVDKSGVVRVRIEAENEKNVPQEEG(MSE)VPFVFVGTKDSIANATVLLDYHLNYLK
;
_entity_poly.pdbx_strand_id   A,B
#
loop_
_chem_comp.id
_chem_comp.type
_chem_comp.name
_chem_comp.formula
MG non-polymer 'MAGNESIUM ION' 'Mg 2'
#
# COMPACT_ATOMS: atom_id res chain seq x y z
N PHE A 4 -15.94 -25.61 22.44
CA PHE A 4 -15.81 -24.22 21.90
C PHE A 4 -14.98 -24.16 20.63
N HIS A 5 -15.59 -23.62 19.58
CA HIS A 5 -14.99 -23.57 18.25
C HIS A 5 -15.25 -22.21 17.60
N GLU A 6 -14.18 -21.58 17.13
CA GLU A 6 -14.31 -20.36 16.32
C GLU A 6 -13.60 -20.48 14.99
N GLN A 7 -14.03 -19.68 14.03
CA GLN A 7 -13.44 -19.69 12.71
C GLN A 7 -13.47 -18.30 12.13
N PHE A 8 -12.39 -17.98 11.40
CA PHE A 8 -12.19 -16.68 10.78
C PHE A 8 -11.35 -16.88 9.55
N ILE A 9 -11.47 -15.96 8.61
CA ILE A 9 -10.77 -16.03 7.34
C ILE A 9 -9.62 -15.07 7.44
N VAL A 10 -8.46 -15.47 6.94
CA VAL A 10 -7.30 -14.58 6.85
C VAL A 10 -6.98 -14.48 5.36
N ARG A 11 -6.98 -13.26 4.82
CA ARG A 11 -6.72 -13.08 3.42
C ARG A 11 -5.41 -13.79 3.05
N GLU A 12 -5.36 -14.40 1.87
CA GLU A 12 -4.27 -15.31 1.52
C GLU A 12 -2.88 -14.67 1.47
N ASP A 13 -2.84 -13.42 1.04
CA ASP A 13 -1.58 -12.66 1.05
C ASP A 13 -1.06 -12.25 2.42
N LEU A 14 -1.88 -12.41 3.46
CA LEU A 14 -1.47 -12.18 4.86
C LEU A 14 -1.16 -13.50 5.58
N MSE A 15 -1.27 -14.60 4.86
CA MSE A 15 -1.10 -15.89 5.50
C MSE A 15 0.28 -16.08 6.14
O MSE A 15 0.38 -16.68 7.20
CB MSE A 15 -1.38 -17.02 4.50
CG MSE A 15 -1.65 -18.32 5.17
SE MSE A 15 -3.27 -18.32 6.26
CE MSE A 15 -4.54 -17.74 4.90
N GLY A 16 1.33 -15.60 5.50
CA GLY A 16 2.68 -15.68 6.10
C GLY A 16 2.88 -14.94 7.41
N LEU A 17 2.07 -13.90 7.64
CA LEU A 17 2.02 -13.23 8.94
C LEU A 17 1.36 -14.13 9.99
N ALA A 18 0.20 -14.70 9.66
CA ALA A 18 -0.55 -15.62 10.54
C ALA A 18 0.27 -16.84 10.97
N ILE A 19 1.00 -17.41 10.01
CA ILE A 19 1.78 -18.61 10.27
C ILE A 19 3.11 -18.21 10.87
N GLY A 20 3.73 -17.20 10.29
CA GLY A 20 4.98 -16.65 10.82
C GLY A 20 6.17 -17.43 10.32
N THR A 21 7.36 -16.86 10.45
CA THR A 21 8.55 -17.50 9.91
C THR A 21 8.78 -18.87 10.52
N HIS A 22 8.67 -19.92 9.69
CA HIS A 22 8.73 -21.31 10.14
C HIS A 22 7.71 -21.64 11.24
N GLY A 23 6.52 -21.05 11.13
CA GLY A 23 5.41 -21.40 11.99
C GLY A 23 5.42 -20.70 13.35
N ALA A 24 6.35 -19.77 13.54
CA ALA A 24 6.59 -19.16 14.83
C ALA A 24 5.30 -18.62 15.44
N ASN A 25 4.47 -17.98 14.61
CA ASN A 25 3.28 -17.34 15.13
C ASN A 25 2.18 -18.35 15.45
N ILE A 26 1.96 -19.31 14.54
CA ILE A 26 0.94 -20.31 14.76
C ILE A 26 1.33 -21.21 15.95
N GLN A 27 2.64 -21.42 16.13
CA GLN A 27 3.15 -22.12 17.29
C GLN A 27 2.70 -21.46 18.61
N GLN A 28 2.82 -20.14 18.68
CA GLN A 28 2.30 -19.40 19.82
C GLN A 28 0.83 -19.61 20.03
N ALA A 29 0.03 -19.53 18.97
CA ALA A 29 -1.41 -19.73 19.12
C ALA A 29 -1.69 -21.15 19.59
N ARG A 30 -0.87 -22.11 19.12
CA ARG A 30 -1.07 -23.50 19.56
C ARG A 30 -0.71 -23.74 21.02
N LYS A 31 0.31 -23.08 21.53
CA LYS A 31 0.73 -23.29 22.91
C LYS A 31 -0.10 -22.51 23.93
N VAL A 32 -1.23 -21.93 23.51
CA VAL A 32 -2.16 -21.27 24.46
C VAL A 32 -2.87 -22.35 25.29
N PRO A 33 -2.76 -22.27 26.63
CA PRO A 33 -3.38 -23.29 27.46
C PRO A 33 -4.89 -23.31 27.25
N GLY A 34 -5.44 -24.49 27.04
CA GLY A 34 -6.87 -24.65 26.74
C GLY A 34 -7.18 -24.90 25.27
N VAL A 35 -6.28 -24.50 24.37
CA VAL A 35 -6.50 -24.70 22.93
C VAL A 35 -6.23 -26.17 22.61
N THR A 36 -7.23 -26.84 22.06
CA THR A 36 -7.16 -28.25 21.71
C THR A 36 -6.53 -28.44 20.34
N ALA A 37 -6.91 -27.57 19.40
CA ALA A 37 -6.47 -27.70 18.00
C ALA A 37 -6.72 -26.44 17.17
N ILE A 38 -5.83 -26.23 16.20
CA ILE A 38 -5.99 -25.15 15.23
C ILE A 38 -5.79 -25.71 13.84
N ASP A 39 -6.78 -25.57 12.97
CA ASP A 39 -6.65 -26.13 11.62
C ASP A 39 -6.88 -25.05 10.60
N LEU A 40 -6.03 -25.04 9.57
CA LEU A 40 -6.23 -24.13 8.47
C LEU A 40 -6.76 -24.92 7.26
N ASP A 41 -7.96 -24.54 6.83
CA ASP A 41 -8.54 -24.97 5.55
C ASP A 41 -7.99 -24.02 4.46
N GLU A 42 -6.91 -24.46 3.81
CA GLU A 42 -6.16 -23.64 2.86
C GLU A 42 -6.94 -23.25 1.60
N ASP A 43 -7.95 -24.02 1.22
CA ASP A 43 -8.76 -23.64 0.07
C ASP A 43 -9.84 -22.61 0.40
N THR A 44 -10.03 -22.32 1.68
CA THR A 44 -10.89 -21.20 2.07
C THR A 44 -10.19 -20.20 2.99
N CYS A 45 -8.90 -20.42 3.26
CA CYS A 45 -8.10 -19.59 4.16
C CYS A 45 -8.75 -19.38 5.53
N THR A 46 -9.47 -20.39 5.99
CA THR A 46 -10.24 -20.34 7.20
C THR A 46 -9.53 -21.12 8.28
N PHE A 47 -9.21 -20.44 9.39
CA PHE A 47 -8.75 -21.10 10.61
C PHE A 47 -9.94 -21.53 11.43
N HIS A 48 -9.85 -22.74 11.98
CA HIS A 48 -10.77 -23.25 12.97
C HIS A 48 -9.95 -23.53 14.20
N ILE A 49 -10.38 -22.99 15.34
CA ILE A 49 -9.68 -23.15 16.59
C ILE A 49 -10.66 -23.84 17.50
N TYR A 50 -10.23 -24.95 18.13
CA TYR A 50 -11.06 -25.75 19.03
C TYR A 50 -10.43 -25.74 20.40
N GLY A 51 -11.25 -25.72 21.45
CA GLY A 51 -10.68 -25.63 22.79
C GLY A 51 -11.66 -25.72 23.94
N GLU A 52 -11.09 -25.81 25.14
CA GLU A 52 -11.83 -26.11 26.39
C GLU A 52 -12.68 -24.94 26.91
N ASP A 53 -12.20 -23.71 26.73
CA ASP A 53 -13.00 -22.53 27.07
C ASP A 53 -12.94 -21.49 25.96
N GLN A 54 -13.84 -20.52 26.03
CA GLN A 54 -13.92 -19.47 25.04
C GLN A 54 -12.68 -18.57 25.06
N ASP A 55 -12.26 -18.17 26.27
CA ASP A 55 -11.14 -17.25 26.46
C ASP A 55 -9.88 -17.81 25.78
N ALA A 56 -9.63 -19.11 25.95
CA ALA A 56 -8.45 -19.75 25.37
C ALA A 56 -8.47 -19.70 23.84
N VAL A 57 -9.63 -20.02 23.25
CA VAL A 57 -9.80 -20.04 21.79
C VAL A 57 -9.68 -18.62 21.24
N LYS A 58 -10.19 -17.65 21.99
CA LYS A 58 -10.10 -16.25 21.60
C LYS A 58 -8.66 -15.74 21.64
N LYS A 59 -7.95 -16.10 22.71
CA LYS A 59 -6.52 -15.79 22.89
C LYS A 59 -5.70 -16.34 21.68
N ALA A 60 -6.02 -17.55 21.25
CA ALA A 60 -5.36 -18.11 20.06
C ALA A 60 -5.77 -17.36 18.77
N ARG A 61 -7.05 -17.04 18.62
CA ARG A 61 -7.51 -16.24 17.50
C ARG A 61 -6.74 -14.95 17.44
N SER A 62 -6.53 -14.35 18.62
CA SER A 62 -5.87 -13.08 18.72
C SER A 62 -4.54 -13.03 17.96
N PHE A 63 -3.77 -14.12 18.00
CA PHE A 63 -2.48 -14.15 17.31
C PHE A 63 -2.65 -14.26 15.79
N LEU A 64 -3.72 -14.92 15.34
CA LEU A 64 -3.81 -15.35 13.93
C LEU A 64 -4.66 -14.42 13.10
N GLU A 65 -5.52 -13.62 13.74
CA GLU A 65 -6.51 -12.85 13.00
C GLU A 65 -5.96 -11.58 12.36
N PHE A 66 -5.08 -11.78 11.37
CA PHE A 66 -4.56 -10.69 10.58
C PHE A 66 -5.56 -10.12 9.60
N ALA A 67 -5.52 -8.80 9.45
CA ALA A 67 -6.37 -8.11 8.51
C ALA A 67 -5.67 -6.88 7.95
N GLU A 68 -6.14 -6.42 6.79
CA GLU A 68 -5.76 -5.12 6.24
C GLU A 68 -6.98 -4.25 6.31
N ASP A 69 -7.01 -3.32 7.27
CA ASP A 69 -8.17 -2.45 7.46
C ASP A 69 -7.85 -0.98 7.26
N VAL A 70 -8.73 -0.30 6.53
CA VAL A 70 -8.63 1.13 6.19
C VAL A 70 -9.34 1.98 7.24
N ILE A 71 -8.58 2.90 7.83
CA ILE A 71 -9.11 3.94 8.71
C ILE A 71 -9.00 5.29 7.99
N GLN A 72 -10.11 6.02 7.97
CA GLN A 72 -10.16 7.29 7.30
C GLN A 72 -9.89 8.39 8.31
N VAL A 73 -8.83 9.16 8.05
CA VAL A 73 -8.32 10.18 8.96
C VAL A 73 -8.64 11.53 8.33
N PRO A 74 -9.32 12.42 9.09
CA PRO A 74 -9.61 13.75 8.57
C PRO A 74 -8.36 14.46 8.11
N ARG A 75 -8.42 15.00 6.90
CA ARG A 75 -7.29 15.68 6.27
C ARG A 75 -6.85 16.85 7.13
N ASN A 76 -7.80 17.64 7.62
CA ASN A 76 -7.49 18.79 8.49
C ASN A 76 -6.75 18.45 9.80
N LEU A 77 -6.70 17.17 10.16
CA LEU A 77 -6.05 16.73 11.39
C LEU A 77 -4.85 15.81 11.15
N VAL A 78 -4.53 15.52 9.88
CA VAL A 78 -3.60 14.44 9.59
C VAL A 78 -2.25 14.63 10.29
N GLY A 79 -1.79 15.87 10.38
CA GLY A 79 -0.48 16.15 10.98
C GLY A 79 -0.35 15.78 12.45
N LYS A 80 -1.49 15.73 13.15
CA LYS A 80 -1.53 15.43 14.60
C LYS A 80 -1.15 13.99 14.86
N VAL A 81 -1.39 13.15 13.86
CA VAL A 81 -1.14 11.73 13.94
C VAL A 81 0.24 11.35 13.36
N ILE A 82 0.78 12.21 12.48
CA ILE A 82 2.05 11.95 11.82
C ILE A 82 3.23 12.40 12.71
N GLY A 83 3.07 13.57 13.31
CA GLY A 83 4.05 14.10 14.24
C GLY A 83 5.19 14.84 13.56
N LYS A 84 6.08 15.38 14.40
CA LYS A 84 7.38 15.85 13.93
C LYS A 84 8.17 14.61 13.50
N ASN A 85 9.07 14.78 12.55
CA ASN A 85 10.01 13.73 12.22
C ASN A 85 9.27 12.39 12.04
N GLY A 86 8.14 12.42 11.33
CA GLY A 86 7.25 11.25 11.15
C GLY A 86 7.24 10.30 12.33
N LYS A 87 7.50 10.83 13.52
CA LYS A 87 7.93 10.03 14.64
C LYS A 87 6.74 9.44 15.39
N LEU A 88 5.64 10.19 15.40
CA LEU A 88 4.46 9.79 16.13
C LEU A 88 3.79 8.61 15.43
N ILE A 89 3.57 8.72 14.13
CA ILE A 89 3.01 7.59 13.39
C ILE A 89 3.86 6.30 13.52
N GLN A 90 5.19 6.44 13.51
CA GLN A 90 6.06 5.29 13.77
C GLN A 90 5.88 4.72 15.18
N GLU A 91 5.78 5.58 16.20
CA GLU A 91 5.55 5.12 17.56
C GLU A 91 4.22 4.41 17.71
N ILE A 92 3.23 4.89 16.98
CA ILE A 92 1.89 4.32 17.01
C ILE A 92 1.91 2.90 16.43
N VAL A 93 2.61 2.74 15.31
CA VAL A 93 2.79 1.42 14.68
C VAL A 93 3.55 0.53 15.62
N ASP A 94 4.62 1.08 16.20
CA ASP A 94 5.45 0.28 17.08
C ASP A 94 4.78 -0.10 18.38
N LYS A 95 4.08 0.82 19.01
CA LYS A 95 3.41 0.50 20.27
C LYS A 95 2.25 -0.41 20.04
N SER A 96 1.47 -0.13 19.00
CA SER A 96 0.23 -0.84 18.74
C SER A 96 0.48 -2.32 18.46
N GLY A 97 1.61 -2.61 17.84
CA GLY A 97 1.93 -3.96 17.41
C GLY A 97 1.49 -4.28 15.99
N VAL A 98 1.06 -3.28 15.21
CA VAL A 98 0.64 -3.57 13.83
C VAL A 98 1.88 -3.88 13.00
N VAL A 99 1.68 -4.42 11.82
CA VAL A 99 2.78 -4.67 10.91
C VAL A 99 3.24 -3.41 10.17
N ARG A 100 2.29 -2.60 9.76
CA ARG A 100 2.53 -1.56 8.80
C ARG A 100 1.31 -0.69 8.77
N VAL A 101 1.53 0.60 8.53
CA VAL A 101 0.49 1.48 8.03
C VAL A 101 0.94 2.05 6.70
N ARG A 102 0.04 2.14 5.74
CA ARG A 102 0.28 2.90 4.52
C ARG A 102 -0.59 4.15 4.53
N ILE A 103 -0.02 5.32 4.41
CA ILE A 103 -0.86 6.53 4.25
C ILE A 103 -0.89 6.81 2.77
N GLU A 104 -2.10 6.89 2.22
CA GLU A 104 -2.30 6.95 0.78
C GLU A 104 -2.83 8.33 0.36
N ALA A 105 -2.10 8.98 -0.53
CA ALA A 105 -2.56 10.19 -1.20
C ALA A 105 -2.86 9.81 -2.64
N GLU A 106 -4.12 9.89 -3.01
CA GLU A 106 -4.66 9.49 -4.31
C GLU A 106 -4.78 10.73 -5.21
N ASN A 107 -4.60 10.55 -6.50
CA ASN A 107 -4.72 11.62 -7.48
C ASN A 107 -6.15 12.20 -7.46
N GLU A 108 -6.27 13.53 -7.49
CA GLU A 108 -7.58 14.20 -7.40
C GLU A 108 -8.62 13.62 -8.37
N LYS A 109 -8.14 12.99 -9.44
CA LYS A 109 -9.02 12.39 -10.44
C LYS A 109 -9.66 11.11 -9.92
N ASN A 110 -8.95 10.40 -9.04
CA ASN A 110 -9.47 9.16 -8.48
C ASN A 110 -10.78 9.44 -7.75
N VAL A 111 -11.86 8.88 -8.28
CA VAL A 111 -13.20 9.21 -7.81
C VAL A 111 -13.49 8.66 -6.43
N PRO A 112 -13.17 7.37 -6.18
CA PRO A 112 -13.56 6.79 -4.90
C PRO A 112 -12.69 7.28 -3.75
N GLN A 113 -13.14 8.35 -3.09
CA GLN A 113 -12.49 8.88 -1.89
C GLN A 113 -13.55 9.45 -0.94
N GLU A 114 -13.57 8.97 0.32
CA GLU A 114 -14.34 9.66 1.38
C GLU A 114 -13.88 11.12 1.39
N GLU A 115 -14.84 12.04 1.36
CA GLU A 115 -14.52 13.47 1.20
C GLU A 115 -13.84 14.05 2.44
N GLY A 116 -12.71 14.72 2.23
CA GLY A 116 -11.93 15.33 3.30
C GLY A 116 -11.12 14.35 4.13
N MSE A 117 -10.87 13.15 3.61
CA MSE A 117 -10.23 12.09 4.37
C MSE A 117 -8.98 11.59 3.67
O MSE A 117 -8.91 11.60 2.45
CB MSE A 117 -11.16 10.89 4.54
CG MSE A 117 -12.49 11.18 5.20
SE MSE A 117 -12.33 11.67 7.07
CE MSE A 117 -14.23 11.62 7.56
N VAL A 118 -8.02 11.16 4.47
CA VAL A 118 -6.82 10.50 4.00
C VAL A 118 -6.89 9.04 4.48
N PRO A 119 -6.81 8.06 3.55
CA PRO A 119 -6.77 6.68 4.01
C PRO A 119 -5.49 6.29 4.72
N PHE A 120 -5.65 5.75 5.94
CA PHE A 120 -4.58 5.07 6.67
C PHE A 120 -4.95 3.56 6.63
N VAL A 121 -4.18 2.78 5.90
CA VAL A 121 -4.44 1.33 5.74
C VAL A 121 -3.49 0.55 6.62
N PHE A 122 -4.02 -0.05 7.67
CA PHE A 122 -3.20 -0.83 8.60
C PHE A 122 -3.18 -2.28 8.22
N VAL A 123 -2.04 -2.93 8.41
CA VAL A 123 -1.98 -4.37 8.28
C VAL A 123 -1.53 -4.83 9.65
N GLY A 124 -2.30 -5.73 10.24
CA GLY A 124 -1.97 -6.28 11.57
C GLY A 124 -3.02 -7.21 12.13
N THR A 125 -2.75 -7.78 13.31
CA THR A 125 -3.80 -8.51 14.00
C THR A 125 -4.93 -7.53 14.33
N LYS A 126 -6.15 -8.05 14.41
CA LYS A 126 -7.30 -7.20 14.71
C LYS A 126 -7.08 -6.42 15.98
N ASP A 127 -6.56 -7.09 16.99
CA ASP A 127 -6.25 -6.45 18.27
C ASP A 127 -5.22 -5.37 18.15
N SER A 128 -4.17 -5.60 17.34
CA SER A 128 -3.13 -4.58 17.16
C SER A 128 -3.75 -3.34 16.48
N ILE A 129 -4.68 -3.55 15.55
CA ILE A 129 -5.28 -2.44 14.83
C ILE A 129 -6.20 -1.63 15.75
N ALA A 130 -6.91 -2.35 16.63
CA ALA A 130 -7.74 -1.75 17.68
C ALA A 130 -6.87 -0.86 18.58
N ASN A 131 -5.68 -1.36 18.94
CA ASN A 131 -4.74 -0.55 19.74
C ASN A 131 -4.36 0.70 18.96
N ALA A 132 -3.99 0.53 17.69
CA ALA A 132 -3.62 1.66 16.83
C ALA A 132 -4.73 2.68 16.68
N THR A 133 -5.96 2.18 16.60
CA THR A 133 -7.13 3.05 16.48
C THR A 133 -7.33 3.97 17.71
N VAL A 134 -7.16 3.43 18.92
CA VAL A 134 -7.29 4.25 20.14
C VAL A 134 -6.25 5.39 20.18
N LEU A 135 -5.02 5.06 19.78
CA LEU A 135 -3.94 6.04 19.71
C LEU A 135 -4.18 7.09 18.65
N LEU A 136 -4.73 6.66 17.51
CA LEU A 136 -5.20 7.58 16.47
C LEU A 136 -6.21 8.55 17.03
N ASP A 137 -7.28 8.01 17.60
CA ASP A 137 -8.36 8.84 18.15
C ASP A 137 -7.91 9.78 19.27
N TYR A 138 -7.03 9.27 20.13
CA TYR A 138 -6.38 10.07 21.19
C TYR A 138 -5.64 11.28 20.64
N HIS A 139 -4.83 11.08 19.61
CA HIS A 139 -4.07 12.19 19.03
C HIS A 139 -4.93 13.09 18.15
N LEU A 140 -5.92 12.51 17.48
CA LEU A 140 -6.80 13.28 16.62
C LEU A 140 -7.73 14.22 17.38
N ASN A 141 -8.55 13.64 18.26
CA ASN A 141 -9.74 14.29 18.75
C ASN A 141 -9.58 14.77 20.18
N TYR A 142 -8.74 14.08 20.93
CA TYR A 142 -8.66 14.35 22.35
C TYR A 142 -7.55 15.34 22.67
N LEU A 143 -6.37 15.07 22.11
CA LEU A 143 -5.17 15.75 22.54
C LEU A 143 -5.18 17.13 21.96
N LYS A 144 -4.97 18.11 22.85
CA LYS A 144 -5.02 19.52 22.53
C LYS A 144 -3.66 20.10 22.87
N SER B 2 10.10 0.79 -41.51
CA SER B 2 10.97 0.78 -40.30
C SER B 2 10.24 0.18 -39.08
N ARG B 3 10.24 -1.14 -38.95
CA ARG B 3 9.45 -1.78 -37.93
C ARG B 3 10.13 -1.74 -36.60
N PHE B 4 9.41 -1.27 -35.58
CA PHE B 4 9.93 -1.19 -34.23
C PHE B 4 9.01 -1.93 -33.31
N HIS B 5 9.63 -2.54 -32.31
CA HIS B 5 8.93 -3.28 -31.31
C HIS B 5 9.33 -2.75 -29.93
N GLU B 6 8.36 -2.57 -29.05
CA GLU B 6 8.65 -2.34 -27.64
C GLU B 6 7.93 -3.40 -26.84
N GLN B 7 8.59 -3.93 -25.82
CA GLN B 7 7.90 -4.78 -24.86
C GLN B 7 8.13 -4.40 -23.39
N PHE B 8 7.08 -4.52 -22.59
CA PHE B 8 7.15 -4.30 -21.14
C PHE B 8 6.09 -5.09 -20.39
N ILE B 9 6.43 -5.51 -19.17
CA ILE B 9 5.53 -6.17 -18.24
C ILE B 9 4.77 -5.14 -17.39
N VAL B 10 3.47 -5.32 -17.23
CA VAL B 10 2.69 -4.51 -16.30
C VAL B 10 2.18 -5.44 -15.21
N ARG B 11 2.51 -5.14 -13.94
CA ARG B 11 2.14 -6.04 -12.86
C ARG B 11 0.65 -6.29 -12.87
N GLU B 12 0.29 -7.54 -12.58
CA GLU B 12 -1.09 -7.97 -12.57
C GLU B 12 -2.00 -6.95 -11.87
N ASP B 13 -1.58 -6.49 -10.70
CA ASP B 13 -2.41 -5.59 -9.88
C ASP B 13 -2.55 -4.17 -10.48
N LEU B 14 -1.74 -3.82 -11.47
CA LEU B 14 -1.82 -2.52 -12.17
C LEU B 14 -2.38 -2.59 -13.60
N MSE B 15 -2.83 -3.78 -14.01
CA MSE B 15 -3.30 -4.02 -15.38
C MSE B 15 -4.62 -3.31 -15.65
O MSE B 15 -4.87 -2.86 -16.76
CB MSE B 15 -3.47 -5.53 -15.59
CG MSE B 15 -3.76 -5.96 -17.03
SE MSE B 15 -2.32 -5.48 -18.26
CE MSE B 15 -0.89 -6.45 -17.38
N GLY B 16 -5.46 -3.20 -14.62
CA GLY B 16 -6.71 -2.44 -14.75
C GLY B 16 -6.45 -0.98 -15.10
N LEU B 17 -5.44 -0.40 -14.46
CA LEU B 17 -5.00 0.95 -14.78
C LEU B 17 -4.40 1.04 -16.18
N ALA B 18 -3.61 0.04 -16.57
CA ALA B 18 -3.00 0.02 -17.90
C ALA B 18 -4.07 0.08 -19.00
N ILE B 19 -5.09 -0.77 -18.87
CA ILE B 19 -6.17 -0.82 -19.83
C ILE B 19 -7.11 0.40 -19.75
N GLY B 20 -7.45 0.82 -18.55
CA GLY B 20 -8.34 1.97 -18.34
C GLY B 20 -9.82 1.58 -18.31
N THR B 21 -10.69 2.45 -17.84
CA THR B 21 -12.10 2.05 -17.72
C THR B 21 -12.64 1.91 -19.13
N HIS B 22 -13.26 0.76 -19.38
CA HIS B 22 -13.65 0.31 -20.72
C HIS B 22 -12.57 0.46 -21.74
N GLY B 23 -11.32 0.27 -21.34
CA GLY B 23 -10.21 0.36 -22.27
C GLY B 23 -9.93 1.77 -22.78
N ALA B 24 -10.26 2.79 -22.00
CA ALA B 24 -9.97 4.16 -22.44
C ALA B 24 -8.48 4.36 -22.67
N ASN B 25 -7.67 3.92 -21.72
CA ASN B 25 -6.21 4.13 -21.78
C ASN B 25 -5.52 3.41 -22.95
N ILE B 26 -5.82 2.13 -23.15
CA ILE B 26 -5.24 1.35 -24.25
C ILE B 26 -5.70 1.89 -25.59
N GLN B 27 -6.95 2.36 -25.65
CA GLN B 27 -7.50 2.93 -26.86
C GLN B 27 -6.73 4.18 -27.30
N GLN B 28 -6.36 5.04 -26.36
CA GLN B 28 -5.58 6.21 -26.72
C GLN B 28 -4.16 5.84 -27.15
N ALA B 29 -3.54 4.91 -26.41
CA ALA B 29 -2.28 4.32 -26.83
C ALA B 29 -2.39 3.80 -28.27
N ARG B 30 -3.50 3.14 -28.59
CA ARG B 30 -3.69 2.56 -29.92
C ARG B 30 -3.95 3.57 -31.01
N LYS B 31 -4.49 4.73 -30.67
CA LYS B 31 -4.73 5.74 -31.70
C LYS B 31 -3.56 6.70 -31.92
N VAL B 32 -2.42 6.44 -31.28
CA VAL B 32 -1.21 7.16 -31.61
C VAL B 32 -0.89 6.92 -33.09
N PRO B 33 -0.71 8.00 -33.88
CA PRO B 33 -0.31 7.87 -35.27
C PRO B 33 1.05 7.18 -35.39
N GLY B 34 1.12 6.13 -36.20
CA GLY B 34 2.35 5.41 -36.38
C GLY B 34 2.41 4.09 -35.65
N VAL B 35 1.47 3.86 -34.72
CA VAL B 35 1.39 2.63 -33.96
C VAL B 35 0.44 1.66 -34.66
N THR B 36 0.95 0.48 -35.03
CA THR B 36 0.19 -0.48 -35.83
C THR B 36 -0.61 -1.48 -35.04
N ALA B 37 -0.03 -1.95 -33.94
CA ALA B 37 -0.69 -2.91 -33.05
C ALA B 37 -0.17 -2.81 -31.63
N ILE B 38 -1.05 -3.06 -30.68
CA ILE B 38 -0.65 -3.27 -29.31
C ILE B 38 -1.21 -4.62 -28.95
N ASP B 39 -0.32 -5.59 -28.75
CA ASP B 39 -0.66 -6.93 -28.27
C ASP B 39 -0.46 -7.06 -26.76
N LEU B 40 -1.08 -8.08 -26.18
CA LEU B 40 -0.85 -8.45 -24.79
C LEU B 40 -0.69 -9.96 -24.67
N ASP B 41 0.47 -10.39 -24.19
CA ASP B 41 0.65 -11.75 -23.71
C ASP B 41 0.01 -11.89 -22.31
N GLU B 42 -1.19 -12.47 -22.27
CA GLU B 42 -1.97 -12.66 -21.03
C GLU B 42 -1.27 -13.56 -20.00
N ASP B 43 -0.34 -14.42 -20.42
CA ASP B 43 0.35 -15.33 -19.50
C ASP B 43 1.37 -14.60 -18.64
N THR B 44 1.99 -13.56 -19.18
CA THR B 44 3.05 -12.88 -18.50
C THR B 44 2.72 -11.41 -18.32
N CYS B 45 1.46 -11.03 -18.58
CA CYS B 45 1.03 -9.63 -18.55
C CYS B 45 2.03 -8.69 -19.26
N THR B 46 2.45 -9.09 -20.46
CA THR B 46 3.45 -8.35 -21.24
C THR B 46 2.85 -7.74 -22.48
N PHE B 47 2.95 -6.42 -22.58
CA PHE B 47 2.53 -5.68 -23.77
C PHE B 47 3.59 -5.67 -24.86
N HIS B 48 3.13 -5.79 -26.10
CA HIS B 48 4.01 -5.78 -27.27
C HIS B 48 3.47 -4.75 -28.22
N ILE B 49 4.23 -3.69 -28.41
CA ILE B 49 3.81 -2.59 -29.22
C ILE B 49 4.62 -2.62 -30.49
N TYR B 50 3.93 -2.52 -31.63
CA TYR B 50 4.56 -2.54 -32.94
C TYR B 50 4.15 -1.30 -33.73
N GLY B 51 5.12 -0.68 -34.40
CA GLY B 51 4.81 0.39 -35.34
C GLY B 51 5.97 0.92 -36.19
N GLU B 52 5.78 2.10 -36.77
CA GLU B 52 6.63 2.60 -37.86
C GLU B 52 7.81 3.48 -37.43
N ASP B 53 7.73 4.08 -36.25
CA ASP B 53 8.83 4.90 -35.75
C ASP B 53 8.91 4.87 -34.24
N GLN B 54 10.12 5.10 -33.74
CA GLN B 54 10.43 4.94 -32.32
C GLN B 54 9.55 5.83 -31.44
N ASP B 55 9.43 7.10 -31.82
CA ASP B 55 8.57 8.06 -31.11
C ASP B 55 7.17 7.54 -30.88
N ALA B 56 6.54 7.06 -31.94
CA ALA B 56 5.17 6.56 -31.92
C ALA B 56 4.99 5.43 -30.92
N VAL B 57 5.85 4.42 -31.01
CA VAL B 57 5.69 3.25 -30.14
C VAL B 57 6.11 3.61 -28.72
N LYS B 58 7.06 4.54 -28.58
CA LYS B 58 7.44 5.04 -27.25
C LYS B 58 6.33 5.90 -26.61
N LYS B 59 5.58 6.63 -27.43
CA LYS B 59 4.43 7.40 -26.96
C LYS B 59 3.27 6.51 -26.50
N ALA B 60 2.92 5.51 -27.31
CA ALA B 60 1.97 4.47 -26.87
C ALA B 60 2.39 3.82 -25.57
N ARG B 61 3.67 3.49 -25.47
CA ARG B 61 4.20 2.84 -24.29
C ARG B 61 4.01 3.73 -23.05
N SER B 62 4.22 5.03 -23.23
CA SER B 62 4.11 5.99 -22.13
C SER B 62 2.74 5.90 -21.46
N PHE B 63 1.68 5.69 -22.25
CA PHE B 63 0.31 5.53 -21.72
C PHE B 63 0.06 4.29 -20.83
N LEU B 64 0.75 3.20 -21.15
CA LEU B 64 0.44 1.88 -20.61
C LEU B 64 1.45 1.35 -19.60
N GLU B 65 2.63 1.98 -19.52
CA GLU B 65 3.71 1.47 -18.66
C GLU B 65 3.56 1.91 -17.19
N PHE B 66 2.57 1.33 -16.51
CA PHE B 66 2.36 1.52 -15.08
C PHE B 66 3.32 0.66 -14.25
N ALA B 67 3.81 1.23 -13.14
CA ALA B 67 4.69 0.52 -12.22
C ALA B 67 4.53 1.09 -10.80
N GLU B 68 5.20 0.43 -9.85
CA GLU B 68 5.49 0.99 -8.51
C GLU B 68 6.95 1.42 -8.44
N ASP B 69 7.24 2.44 -7.66
CA ASP B 69 8.62 2.82 -7.45
C ASP B 69 8.75 3.42 -6.06
N VAL B 70 9.60 2.79 -5.24
CA VAL B 70 9.82 3.25 -3.88
C VAL B 70 10.90 4.33 -3.88
N ILE B 71 10.67 5.39 -3.10
CA ILE B 71 11.66 6.45 -2.89
C ILE B 71 11.84 6.59 -1.39
N GLN B 72 13.08 6.54 -0.93
CA GLN B 72 13.37 6.64 0.50
C GLN B 72 13.49 8.08 0.98
N VAL B 73 12.67 8.43 1.96
CA VAL B 73 12.64 9.78 2.49
C VAL B 73 13.09 9.80 3.95
N PRO B 74 14.13 10.59 4.25
CA PRO B 74 14.60 10.75 5.63
C PRO B 74 13.48 11.15 6.61
N ARG B 75 13.23 10.31 7.59
CA ARG B 75 12.09 10.46 8.52
C ARG B 75 11.83 11.90 9.03
N ASN B 76 12.91 12.64 9.28
CA ASN B 76 12.84 14.08 9.67
C ASN B 76 11.94 14.95 8.78
N LEU B 77 11.95 14.65 7.48
CA LEU B 77 11.27 15.43 6.45
C LEU B 77 9.92 14.84 6.03
N VAL B 78 9.52 13.71 6.59
CA VAL B 78 8.24 13.13 6.21
C VAL B 78 7.10 14.10 6.53
N GLY B 79 6.98 14.51 7.80
CA GLY B 79 6.01 15.55 8.18
C GLY B 79 6.13 16.79 7.31
N LYS B 80 7.36 17.13 6.94
CA LYS B 80 7.64 18.33 6.14
C LYS B 80 7.12 18.20 4.72
N VAL B 81 7.45 17.08 4.09
CA VAL B 81 7.11 16.86 2.68
C VAL B 81 5.65 16.46 2.51
N ILE B 82 5.06 15.91 3.57
CA ILE B 82 3.61 15.73 3.65
C ILE B 82 2.96 17.11 3.57
N GLY B 83 3.60 18.11 4.18
CA GLY B 83 3.15 19.50 4.10
C GLY B 83 2.00 19.63 5.06
N LYS B 84 1.50 20.85 5.23
CA LYS B 84 0.41 21.10 6.17
C LYS B 84 -0.73 20.18 5.78
N ASN B 85 -0.83 19.11 6.58
CA ASN B 85 -1.83 18.07 6.43
C ASN B 85 -1.99 17.51 5.02
N GLY B 86 -0.87 17.00 4.52
CA GLY B 86 -0.86 16.32 3.24
C GLY B 86 -0.88 17.21 2.00
N LYS B 87 -1.06 18.53 2.20
CA LYS B 87 -1.13 19.50 1.11
C LYS B 87 -0.07 19.27 0.05
N LEU B 88 1.18 19.24 0.49
CA LEU B 88 2.32 19.26 -0.42
C LEU B 88 2.43 17.96 -1.22
N ILE B 89 2.35 16.83 -0.51
CA ILE B 89 2.43 15.52 -1.16
C ILE B 89 1.19 15.32 -2.05
N GLN B 90 0.04 15.81 -1.62
CA GLN B 90 -1.15 15.80 -2.47
C GLN B 90 -0.96 16.57 -3.78
N GLU B 91 -0.37 17.76 -3.70
CA GLU B 91 0.01 18.57 -4.87
C GLU B 91 1.03 17.86 -5.77
N ILE B 92 2.02 17.21 -5.17
CA ILE B 92 3.01 16.45 -5.94
C ILE B 92 2.35 15.37 -6.76
N VAL B 93 1.43 14.62 -6.16
CA VAL B 93 0.79 13.53 -6.92
C VAL B 93 -0.12 14.10 -8.01
N ASP B 94 -0.78 15.22 -7.70
CA ASP B 94 -1.70 15.81 -8.64
C ASP B 94 -0.93 16.42 -9.81
N LYS B 95 0.20 17.06 -9.51
CA LYS B 95 0.98 17.67 -10.58
C LYS B 95 1.72 16.66 -11.44
N SER B 96 2.33 15.66 -10.81
CA SER B 96 3.07 14.62 -11.53
C SER B 96 2.16 13.77 -12.42
N GLY B 97 0.94 13.53 -11.97
CA GLY B 97 0.04 12.65 -12.70
C GLY B 97 0.11 11.20 -12.25
N VAL B 98 0.76 10.92 -11.13
CA VAL B 98 0.75 9.56 -10.60
C VAL B 98 -0.66 9.22 -10.16
N VAL B 99 -0.91 7.95 -9.86
CA VAL B 99 -2.21 7.53 -9.40
C VAL B 99 -2.32 7.80 -7.89
N ARG B 100 -1.26 7.47 -7.19
CA ARG B 100 -1.18 7.64 -5.76
C ARG B 100 0.26 7.52 -5.32
N VAL B 101 0.51 7.94 -4.08
CA VAL B 101 1.71 7.55 -3.35
C VAL B 101 1.23 6.91 -2.05
N ARG B 102 1.94 5.90 -1.55
CA ARG B 102 1.69 5.40 -0.19
C ARG B 102 2.95 5.56 0.61
N ILE B 103 2.78 6.21 1.77
CA ILE B 103 3.84 6.50 2.70
C ILE B 103 3.74 5.41 3.74
N GLU B 104 4.78 4.59 3.84
CA GLU B 104 4.65 3.34 4.55
C GLU B 104 5.51 3.36 5.79
N ALA B 105 4.87 3.20 6.95
CA ALA B 105 5.56 3.08 8.24
C ALA B 105 5.50 1.63 8.71
N GLU B 106 6.67 1.02 8.87
CA GLU B 106 6.85 -0.41 9.08
C GLU B 106 7.08 -0.61 10.57
N ASN B 107 6.63 -1.74 11.13
CA ASN B 107 6.85 -1.99 12.48
C ASN B 107 8.36 -2.13 12.57
N GLU B 108 8.86 -1.91 13.77
CA GLU B 108 10.27 -2.04 14.14
C GLU B 108 10.85 -3.42 13.84
N LYS B 109 10.02 -4.45 13.91
CA LYS B 109 10.48 -5.81 13.73
C LYS B 109 10.72 -6.22 12.26
N ASN B 110 10.29 -5.41 11.30
CA ASN B 110 10.34 -5.81 9.89
C ASN B 110 11.77 -5.86 9.31
N VAL B 111 12.08 -6.98 8.64
CA VAL B 111 13.45 -7.36 8.24
C VAL B 111 14.11 -6.37 7.27
N PRO B 112 13.52 -6.18 6.08
CA PRO B 112 14.14 -5.24 5.15
C PRO B 112 13.66 -3.81 5.43
N GLN B 113 14.60 -2.91 5.70
CA GLN B 113 14.31 -1.49 5.93
C GLN B 113 15.59 -0.67 5.97
N GLU B 114 15.51 0.59 5.52
CA GLU B 114 16.66 1.49 5.50
C GLU B 114 16.66 2.44 6.71
N GLU B 115 17.72 2.41 7.50
CA GLU B 115 17.87 3.26 8.69
C GLU B 115 17.63 4.75 8.44
N GLY B 116 16.76 5.36 9.25
CA GLY B 116 16.45 6.78 9.14
C GLY B 116 15.51 7.14 8.01
N MSE B 117 15.02 6.13 7.28
CA MSE B 117 14.24 6.34 6.05
C MSE B 117 12.81 5.84 6.17
O MSE B 117 12.52 4.92 6.93
CB MSE B 117 14.88 5.63 4.86
CG MSE B 117 16.36 5.91 4.70
SE MSE B 117 16.73 7.70 3.98
CE MSE B 117 18.46 8.02 4.86
N VAL B 118 11.96 6.48 5.38
CA VAL B 118 10.55 6.15 5.26
C VAL B 118 10.26 5.96 3.76
N PRO B 119 9.80 4.76 3.35
CA PRO B 119 9.44 4.56 1.94
C PRO B 119 8.20 5.34 1.48
N PHE B 120 8.34 6.01 0.35
CA PHE B 120 7.22 6.60 -0.39
C PHE B 120 7.01 5.76 -1.67
N VAL B 121 5.92 5.00 -1.72
CA VAL B 121 5.67 4.14 -2.89
C VAL B 121 4.72 4.80 -3.90
N PHE B 122 5.31 5.29 -5.00
CA PHE B 122 4.59 5.91 -6.10
C PHE B 122 4.09 4.88 -7.10
N VAL B 123 2.85 5.08 -7.54
CA VAL B 123 2.13 4.14 -8.37
C VAL B 123 1.55 4.92 -9.56
N GLY B 124 1.98 4.60 -10.77
CA GLY B 124 1.56 5.36 -11.95
C GLY B 124 2.35 4.93 -13.16
N THR B 125 2.22 5.66 -14.25
CA THR B 125 3.01 5.38 -15.45
C THR B 125 4.44 5.74 -15.05
N LYS B 126 5.44 5.14 -15.68
CA LYS B 126 6.86 5.46 -15.41
C LYS B 126 7.13 6.96 -15.59
N ASP B 127 6.51 7.56 -16.60
CA ASP B 127 6.71 8.97 -16.87
C ASP B 127 6.20 9.85 -15.74
N SER B 128 5.01 9.53 -15.22
CA SER B 128 4.46 10.09 -13.97
C SER B 128 5.43 10.07 -12.83
N ILE B 129 6.06 8.90 -12.69
CA ILE B 129 6.89 8.58 -11.53
C ILE B 129 8.15 9.44 -11.63
N ALA B 130 8.70 9.51 -12.83
CA ALA B 130 9.79 10.44 -13.12
C ALA B 130 9.41 11.87 -12.70
N ASN B 131 8.21 12.33 -13.07
CA ASN B 131 7.77 13.68 -12.70
C ASN B 131 7.73 13.83 -11.17
N ALA B 132 7.12 12.85 -10.52
CA ALA B 132 6.99 12.84 -9.06
C ALA B 132 8.34 12.85 -8.35
N THR B 133 9.36 12.20 -8.90
CA THR B 133 10.63 12.11 -8.17
C THR B 133 11.40 13.41 -8.36
N VAL B 134 11.21 14.06 -9.52
CA VAL B 134 11.78 15.35 -9.79
C VAL B 134 11.20 16.37 -8.82
N LEU B 135 9.87 16.38 -8.70
CA LEU B 135 9.20 17.25 -7.75
C LEU B 135 9.63 17.01 -6.34
N LEU B 136 9.63 15.73 -5.94
CA LEU B 136 10.02 15.32 -4.59
C LEU B 136 11.41 15.81 -4.25
N ASP B 137 12.33 15.63 -5.20
CA ASP B 137 13.72 16.07 -5.07
C ASP B 137 13.84 17.57 -4.77
N TYR B 138 13.16 18.37 -5.58
CA TYR B 138 13.16 19.81 -5.42
C TYR B 138 12.64 20.23 -4.05
N HIS B 139 11.51 19.69 -3.63
CA HIS B 139 10.96 20.03 -2.33
C HIS B 139 11.93 19.72 -1.20
N LEU B 140 12.35 18.46 -1.14
CA LEU B 140 13.33 18.00 -0.15
C LEU B 140 14.54 18.94 -0.01
N ASN B 141 14.99 19.50 -1.13
CA ASN B 141 16.16 20.37 -1.12
C ASN B 141 16.02 21.68 -0.33
N TYR B 142 14.81 22.24 -0.27
CA TYR B 142 14.58 23.44 0.55
C TYR B 142 13.89 23.12 1.89
N LEU B 143 13.12 22.03 1.94
CA LEU B 143 12.55 21.56 3.21
C LEU B 143 13.67 21.13 4.16
N LYS B 144 14.76 20.64 3.57
CA LYS B 144 16.01 20.40 4.27
C LYS B 144 16.34 21.61 5.17
MG MG C . -3.69 -21.24 -1.12
#